data_6A51
#
_entry.id   6A51
#
_cell.length_a   109.043
_cell.length_b   109.043
_cell.length_c   107.303
_cell.angle_alpha   90.00
_cell.angle_beta   90.00
_cell.angle_gamma   90.00
#
_symmetry.space_group_name_H-M   'P 41 21 2'
#
loop_
_entity.id
_entity.type
_entity.pdbx_description
1 polymer CheQ
2 water water
#
_entity_poly.entity_id   1
_entity_poly.type   'polypeptide(L)'
_entity_poly.pdbx_seq_one_letter_code
;MGSSHHHHHHSSMKSLILPPNEFLDHYILNAEFHRFAGISKNAYKFWKNVEIGRYQGTRIIFLHRNCILEKHQQALRQCS
GLNGFVLASAFCSFTGLAPSHLVEKNNSSIYKLLELKEICGIKFVNLKKFYDFLGLNYHQHIYIEKCHFFSPAPFEKRIK
ITESMCVGYY
;
_entity_poly.pdbx_strand_id   A,B
#
# COMPACT_ATOMS: atom_id res chain seq x y z
N LYS A 14 -17.21 -1.78 13.11
CA LYS A 14 -17.44 -3.08 13.74
C LYS A 14 -16.37 -4.09 13.34
N SER A 15 -16.07 -4.19 12.04
CA SER A 15 -14.95 -5.00 11.58
C SER A 15 -14.21 -4.18 10.53
N LEU A 16 -13.23 -3.42 10.98
CA LEU A 16 -12.54 -2.45 10.15
C LEU A 16 -11.21 -3.01 9.68
N ILE A 17 -10.81 -2.60 8.48
CA ILE A 17 -9.41 -2.64 8.09
C ILE A 17 -8.77 -1.33 8.53
N LEU A 18 -7.69 -1.45 9.27
CA LEU A 18 -6.97 -0.26 9.73
C LEU A 18 -6.06 0.19 8.60
N PRO A 19 -6.17 1.44 8.14
CA PRO A 19 -5.17 1.97 7.22
C PRO A 19 -3.79 1.93 7.87
N PRO A 20 -2.75 1.60 7.10
CA PRO A 20 -1.45 1.30 7.72
C PRO A 20 -0.82 2.49 8.44
N ASN A 21 -1.25 3.72 8.18
CA ASN A 21 -0.71 4.88 8.88
C ASN A 21 -1.57 5.30 10.05
N GLU A 22 -2.38 4.41 10.58
CA GLU A 22 -3.27 4.75 11.68
C GLU A 22 -2.78 4.05 12.93
N PHE A 23 -2.55 4.83 13.97
CA PHE A 23 -1.93 4.29 15.18
C PHE A 23 -2.93 3.45 15.95
N LEU A 24 -2.41 2.51 16.73
CA LEU A 24 -3.23 1.56 17.48
C LEU A 24 -3.61 2.07 18.87
N ASP A 25 -3.66 3.39 19.07
CA ASP A 25 -4.02 4.01 20.35
C ASP A 25 -5.20 3.33 21.04
N HIS A 26 -6.32 3.26 20.34
CA HIS A 26 -7.59 2.80 20.86
C HIS A 26 -7.74 1.27 20.86
N TYR A 27 -6.67 0.48 20.67
CA TYR A 27 -6.80 -0.95 20.49
C TYR A 27 -5.82 -1.69 21.39
N ILE A 28 -6.18 -2.94 21.71
CA ILE A 28 -5.27 -3.87 22.35
C ILE A 28 -5.15 -5.11 21.46
N LEU A 29 -4.04 -5.81 21.63
CA LEU A 29 -3.78 -7.00 20.85
C LEU A 29 -4.55 -8.19 21.45
N ASN A 30 -5.32 -8.89 20.62
CA ASN A 30 -6.13 -9.99 21.13
C ASN A 30 -5.25 -11.11 21.69
N ALA A 31 -4.13 -11.38 21.01
CA ALA A 31 -3.20 -12.42 21.45
C ALA A 31 -2.77 -12.22 22.90
N GLU A 32 -2.64 -10.98 23.33
CA GLU A 32 -2.23 -10.69 24.70
C GLU A 32 -3.44 -10.60 25.63
N PHE A 33 -4.53 -9.98 25.18
CA PHE A 33 -5.68 -9.75 26.05
C PHE A 33 -6.33 -11.06 26.48
N HIS A 34 -6.45 -12.02 25.58
CA HIS A 34 -7.16 -13.23 25.98
C HIS A 34 -6.38 -14.08 26.97
N ARG A 35 -5.07 -13.91 27.01
CA ARG A 35 -4.24 -14.57 28.00
C ARG A 35 -4.45 -13.96 29.40
N PHE A 36 -4.54 -12.64 29.51
CA PHE A 36 -4.78 -11.94 30.76
C PHE A 36 -6.16 -12.20 31.32
N ALA A 37 -7.11 -12.29 30.42
CA ALA A 37 -8.51 -12.53 30.72
C ALA A 37 -8.83 -13.96 31.08
N GLY A 38 -8.02 -14.86 30.58
CA GLY A 38 -8.19 -16.26 30.82
C GLY A 38 -9.10 -16.92 29.84
N ILE A 39 -9.63 -16.16 28.91
CA ILE A 39 -10.52 -16.66 27.90
C ILE A 39 -9.84 -17.25 26.70
N SER A 40 -10.63 -17.87 25.86
CA SER A 40 -10.19 -18.50 24.66
C SER A 40 -9.78 -17.48 23.65
N LYS A 41 -8.91 -17.91 22.76
CA LYS A 41 -8.43 -17.04 21.67
C LYS A 41 -9.58 -16.45 20.87
N ASN A 42 -10.67 -17.20 20.67
CA ASN A 42 -11.78 -16.75 19.85
C ASN A 42 -12.98 -16.25 20.65
N ALA A 43 -12.87 -16.16 21.97
CA ALA A 43 -13.99 -15.69 22.78
C ALA A 43 -14.60 -14.41 22.21
N TYR A 44 -13.77 -13.52 21.65
CA TYR A 44 -14.28 -12.26 21.13
C TYR A 44 -15.28 -12.46 19.99
N LYS A 45 -15.20 -13.58 19.26
CA LYS A 45 -16.14 -13.81 18.17
C LYS A 45 -17.59 -13.96 18.66
N PHE A 46 -17.80 -14.21 19.95
CA PHE A 46 -19.13 -14.46 20.47
C PHE A 46 -19.69 -13.31 21.29
N TRP A 47 -18.89 -12.32 21.68
CA TRP A 47 -19.48 -11.08 22.14
C TRP A 47 -20.22 -10.46 20.98
N LYS A 48 -21.34 -9.91 21.44
CA LYS A 48 -22.44 -9.25 20.80
C LYS A 48 -22.12 -7.97 20.15
N ASN A 49 -21.40 -7.13 20.84
CA ASN A 49 -21.01 -5.92 20.21
C ASN A 49 -19.54 -6.04 20.30
N VAL A 50 -18.91 -6.27 19.16
CA VAL A 50 -17.47 -6.42 19.11
C VAL A 50 -16.89 -5.57 18.01
N GLU A 51 -15.87 -4.77 18.33
CA GLU A 51 -15.23 -3.95 17.33
C GLU A 51 -13.83 -4.49 17.21
N ILE A 52 -13.45 -4.91 16.01
CA ILE A 52 -12.13 -5.42 15.83
C ILE A 52 -11.50 -4.72 14.67
N GLY A 53 -10.20 -4.83 14.57
CA GLY A 53 -9.47 -4.21 13.48
C GLY A 53 -8.35 -5.12 13.08
N ARG A 54 -7.93 -4.99 11.83
CA ARG A 54 -6.74 -5.66 11.32
C ARG A 54 -6.14 -4.80 10.23
N TYR A 55 -4.86 -5.02 9.95
CA TYR A 55 -4.21 -4.45 8.79
C TYR A 55 -4.40 -5.40 7.61
N GLN A 56 -4.40 -4.83 6.41
CA GLN A 56 -4.77 -5.61 5.23
C GLN A 56 -3.86 -6.83 5.04
N GLY A 57 -2.55 -6.66 5.26
CA GLY A 57 -1.69 -7.78 4.93
C GLY A 57 -1.72 -8.94 5.89
N THR A 58 -2.32 -8.78 7.07
CA THR A 58 -2.22 -9.78 8.13
C THR A 58 -3.57 -10.02 8.79
N ARG A 59 -3.66 -11.14 9.49
CA ARG A 59 -4.88 -11.51 10.20
C ARG A 59 -4.74 -11.37 11.71
N ILE A 60 -3.69 -10.69 12.18
CA ILE A 60 -3.58 -10.41 13.60
C ILE A 60 -4.74 -9.53 14.03
N ILE A 61 -5.41 -9.93 15.10
CA ILE A 61 -6.65 -9.30 15.52
C ILE A 61 -6.36 -8.28 16.60
N PHE A 62 -6.92 -7.08 16.46
CA PHE A 62 -6.90 -6.07 17.50
C PHE A 62 -8.33 -5.79 17.95
N LEU A 63 -8.53 -5.62 19.26
CA LEU A 63 -9.83 -5.33 19.83
C LEU A 63 -9.91 -3.86 20.20
N HIS A 64 -11.00 -3.21 19.83
CA HIS A 64 -11.18 -1.83 20.21
C HIS A 64 -11.53 -1.77 21.69
N ARG A 65 -10.89 -0.84 22.44
CA ARG A 65 -10.93 -0.88 23.90
C ARG A 65 -12.33 -0.66 24.45
N ASN A 66 -13.13 0.12 23.73
CA ASN A 66 -14.51 0.44 24.07
C ASN A 66 -15.37 -0.82 24.14
N CYS A 67 -15.20 -1.77 23.23
CA CYS A 67 -16.03 -2.98 23.21
C CYS A 67 -15.64 -4.01 24.28
N ILE A 68 -14.58 -3.80 25.07
CA ILE A 68 -14.20 -4.77 26.10
C ILE A 68 -15.30 -4.85 27.16
N LEU A 69 -15.61 -6.06 27.62
CA LEU A 69 -16.65 -6.27 28.63
C LEU A 69 -16.20 -5.77 30.00
N GLU A 70 -17.18 -5.36 30.83
CA GLU A 70 -16.87 -5.02 32.23
C GLU A 70 -16.35 -6.22 32.98
N LYS A 71 -16.85 -7.42 32.65
CA LYS A 71 -16.33 -8.68 33.18
C LYS A 71 -14.83 -8.83 32.99
N HIS A 72 -14.21 -7.97 32.18
CA HIS A 72 -12.83 -8.14 31.76
C HIS A 72 -11.99 -6.90 31.92
N GLN A 73 -12.55 -5.80 32.48
CA GLN A 73 -11.81 -4.54 32.60
C GLN A 73 -10.49 -4.70 33.35
N GLN A 74 -10.38 -5.68 34.23
CA GLN A 74 -9.11 -5.93 34.89
C GLN A 74 -8.05 -6.36 33.88
N ALA A 75 -8.38 -7.35 33.05
CA ALA A 75 -7.44 -7.81 32.02
C ALA A 75 -7.13 -6.71 31.01
N LEU A 76 -8.12 -5.87 30.70
CA LEU A 76 -7.84 -4.71 29.87
C LEU A 76 -6.71 -3.89 30.45
N ARG A 77 -6.79 -3.57 31.74
CA ARG A 77 -5.85 -2.64 32.37
C ARG A 77 -4.42 -3.17 32.38
N GLN A 78 -4.22 -4.48 32.30
CA GLN A 78 -2.88 -5.03 32.24
C GLN A 78 -2.39 -5.29 30.82
N CYS A 79 -3.09 -4.78 29.80
CA CYS A 79 -2.65 -4.93 28.42
C CYS A 79 -1.68 -3.82 28.02
N SER A 80 -0.69 -4.19 27.20
CA SER A 80 0.28 -3.22 26.72
C SER A 80 -0.39 -2.09 25.94
N GLY A 81 0.09 -0.88 26.17
CA GLY A 81 -0.35 0.26 25.38
C GLY A 81 0.28 0.26 23.99
N LEU A 82 -0.44 0.87 23.05
CA LEU A 82 0.04 0.88 21.68
C LEU A 82 -0.09 2.27 21.06
N ASN A 83 -0.08 3.32 21.87
CA ASN A 83 -0.19 4.69 21.37
C ASN A 83 0.92 4.97 20.38
N GLY A 84 0.55 5.43 19.18
CA GLY A 84 1.49 5.71 18.10
C GLY A 84 2.01 4.51 17.37
N PHE A 85 1.65 3.29 17.78
CA PHE A 85 2.27 2.14 17.15
C PHE A 85 1.43 1.64 15.99
N VAL A 86 2.11 0.96 15.08
CA VAL A 86 1.49 0.17 14.02
C VAL A 86 2.24 -1.14 13.95
N LEU A 87 1.60 -2.15 13.37
CA LEU A 87 2.29 -3.40 13.11
C LEU A 87 3.50 -3.15 12.23
N ALA A 88 4.62 -3.81 12.54
CA ALA A 88 5.84 -3.57 11.77
C ALA A 88 5.66 -3.96 10.30
N SER A 89 5.02 -5.12 10.04
CA SER A 89 4.70 -5.51 8.67
C SER A 89 3.89 -4.44 7.95
N ALA A 90 2.96 -3.78 8.65
CA ALA A 90 2.20 -2.71 8.03
C ALA A 90 3.07 -1.50 7.74
N PHE A 91 3.97 -1.16 8.68
CA PHE A 91 4.93 -0.09 8.44
C PHE A 91 5.75 -0.36 7.18
N CYS A 92 6.21 -1.61 7.00
CA CYS A 92 6.99 -1.93 5.80
C CYS A 92 6.13 -1.94 4.57
N SER A 93 4.88 -2.41 4.68
CA SER A 93 3.94 -2.28 3.58
C SER A 93 3.72 -0.82 3.22
N PHE A 94 3.35 0.00 4.21
CA PHE A 94 3.06 1.41 3.99
C PHE A 94 4.24 2.14 3.34
N THR A 95 5.44 1.97 3.89
CA THR A 95 6.57 2.78 3.48
C THR A 95 7.36 2.17 2.34
N GLY A 96 7.09 0.92 1.98
CA GLY A 96 7.97 0.25 1.05
C GLY A 96 9.32 -0.16 1.59
N LEU A 97 9.57 0.05 2.88
CA LEU A 97 10.83 -0.39 3.45
C LEU A 97 10.90 -1.91 3.46
N ALA A 98 12.08 -2.46 3.19
CA ALA A 98 12.25 -3.91 3.18
C ALA A 98 12.24 -4.45 4.60
N PRO A 99 11.48 -5.51 4.89
CA PRO A 99 11.34 -5.97 6.30
C PRO A 99 12.66 -6.33 6.96
N SER A 100 13.70 -6.64 6.18
CA SER A 100 15.02 -6.92 6.75
C SER A 100 15.51 -5.78 7.62
N HIS A 101 15.24 -4.53 7.23
CA HIS A 101 15.71 -3.38 7.99
C HIS A 101 15.25 -3.41 9.43
N LEU A 102 14.12 -4.05 9.72
CA LEU A 102 13.61 -4.07 11.08
C LEU A 102 14.14 -5.24 11.89
N VAL A 103 15.06 -6.03 11.33
CA VAL A 103 15.71 -7.12 12.03
C VAL A 103 17.06 -6.61 12.56
N GLU A 104 17.17 -6.51 13.89
CA GLU A 104 18.34 -5.90 14.53
C GLU A 104 19.65 -6.46 13.98
N LYS A 105 19.75 -7.78 13.94
CA LYS A 105 20.91 -8.52 13.43
C LYS A 105 21.53 -7.90 12.17
N ASN A 106 20.70 -7.38 11.26
CA ASN A 106 21.16 -6.86 9.97
C ASN A 106 21.85 -5.50 10.05
N ASN A 107 21.85 -4.87 11.22
CA ASN A 107 22.58 -3.62 11.45
C ASN A 107 22.21 -2.54 10.42
N SER A 108 20.94 -2.18 10.40
CA SER A 108 20.42 -1.16 9.50
C SER A 108 20.49 0.20 10.19
N SER A 109 20.88 1.23 9.43
CA SER A 109 20.82 2.58 10.01
C SER A 109 19.38 3.00 10.30
N ILE A 110 18.44 2.60 9.44
CA ILE A 110 17.02 2.87 9.69
C ILE A 110 16.57 2.28 11.01
N TYR A 111 16.94 1.02 11.29
CA TYR A 111 16.48 0.37 12.51
C TYR A 111 16.71 1.25 13.70
N LYS A 112 17.80 1.96 13.67
CA LYS A 112 18.26 2.71 14.81
C LYS A 112 17.50 4.01 15.02
N LEU A 113 16.92 4.57 13.95
CA LEU A 113 16.04 5.73 14.04
C LEU A 113 14.65 5.40 14.57
N LEU A 114 14.31 4.13 14.76
CA LEU A 114 12.94 3.72 15.03
C LEU A 114 12.78 3.10 16.42
N GLU A 115 11.67 3.44 17.08
CA GLU A 115 11.28 2.78 18.32
C GLU A 115 10.53 1.50 17.97
N LEU A 116 11.08 0.35 18.30
CA LEU A 116 10.42 -0.93 18.08
C LEU A 116 10.04 -1.57 19.41
N LYS A 117 9.28 -2.66 19.33
CA LYS A 117 8.64 -3.23 20.51
C LYS A 117 7.94 -4.52 20.12
N GLU A 118 7.98 -5.53 20.98
CA GLU A 118 7.32 -6.80 20.72
C GLU A 118 6.31 -7.12 21.80
N ILE A 119 5.15 -7.63 21.38
CA ILE A 119 4.16 -8.16 22.30
C ILE A 119 3.76 -9.52 21.76
N CYS A 120 3.91 -10.56 22.59
CA CYS A 120 3.60 -11.93 22.21
C CYS A 120 4.27 -12.29 20.88
N GLY A 121 5.49 -11.81 20.68
CA GLY A 121 6.17 -12.09 19.43
C GLY A 121 5.66 -11.32 18.22
N ILE A 122 4.74 -10.38 18.39
CA ILE A 122 4.36 -9.48 17.31
C ILE A 122 5.22 -8.22 17.41
N LYS A 123 5.86 -7.83 16.30
CA LYS A 123 6.72 -6.64 16.27
C LYS A 123 5.92 -5.41 15.86
N PHE A 124 6.05 -4.32 16.64
CA PHE A 124 5.43 -3.04 16.34
C PHE A 124 6.48 -1.95 16.13
N VAL A 125 6.10 -0.93 15.36
CA VAL A 125 6.92 0.24 15.09
C VAL A 125 6.14 1.47 15.54
N ASN A 126 6.83 2.44 16.14
CA ASN A 126 6.15 3.65 16.58
C ASN A 126 6.14 4.62 15.41
N LEU A 127 5.04 4.58 14.64
CA LEU A 127 4.94 5.42 13.46
C LEU A 127 4.81 6.88 13.84
N LYS A 128 4.11 7.15 14.95
CA LYS A 128 3.88 8.52 15.38
C LYS A 128 5.21 9.24 15.63
N LYS A 129 6.15 8.58 16.32
CA LYS A 129 7.43 9.23 16.58
C LYS A 129 8.22 9.42 15.30
N PHE A 130 8.09 8.48 14.36
CA PHE A 130 8.82 8.65 13.10
C PHE A 130 8.31 9.86 12.34
N TYR A 131 6.99 10.02 12.25
CA TYR A 131 6.40 11.23 11.68
C TYR A 131 6.95 12.48 12.36
N ASP A 132 7.03 12.47 13.70
CA ASP A 132 7.55 13.63 14.43
C ASP A 132 9.01 13.90 14.06
N PHE A 133 9.82 12.84 14.01
CA PHE A 133 11.20 12.96 13.54
C PHE A 133 11.26 13.56 12.14
N LEU A 134 10.39 13.12 11.23
CA LEU A 134 10.37 13.67 9.89
C LEU A 134 9.77 15.07 9.82
N GLY A 135 9.12 15.54 10.87
CA GLY A 135 8.43 16.82 10.80
C GLY A 135 7.26 16.85 9.85
N LEU A 136 6.57 15.74 9.66
CA LEU A 136 5.43 15.65 8.78
C LEU A 136 4.15 15.45 9.58
N ASN A 137 3.04 15.65 8.91
CA ASN A 137 1.72 15.49 9.50
C ASN A 137 1.24 14.06 9.31
N TYR A 138 0.50 13.57 10.31
CA TYR A 138 0.19 12.15 10.43
C TYR A 138 -0.65 11.60 9.29
N HIS A 139 -1.20 12.44 8.42
CA HIS A 139 -2.04 11.92 7.35
C HIS A 139 -1.30 11.76 6.04
N GLN A 140 -0.02 12.08 6.00
CA GLN A 140 0.75 11.97 4.78
C GLN A 140 1.18 10.54 4.54
N HIS A 141 1.16 10.14 3.28
CA HIS A 141 1.69 8.85 2.88
C HIS A 141 3.18 9.05 2.60
N ILE A 142 4.03 8.50 3.46
CA ILE A 142 5.48 8.58 3.28
C ILE A 142 5.96 7.30 2.62
N TYR A 143 7.03 7.41 1.85
CA TYR A 143 7.79 6.25 1.41
C TYR A 143 9.24 6.43 1.81
N ILE A 144 9.94 5.30 1.96
CA ILE A 144 11.34 5.26 2.33
C ILE A 144 12.07 4.51 1.23
N GLU A 145 13.17 5.06 0.77
CA GLU A 145 13.78 4.56 -0.44
C GLU A 145 15.24 4.93 -0.43
N LYS A 146 16.07 4.07 -1.02
CA LYS A 146 17.42 4.48 -1.34
C LYS A 146 17.39 5.72 -2.21
N CYS A 147 18.11 6.75 -1.79
CA CYS A 147 18.19 7.98 -2.58
C CYS A 147 18.66 7.70 -3.99
N HIS A 148 19.53 6.71 -4.15
CA HIS A 148 20.10 6.39 -5.46
C HIS A 148 19.02 5.92 -6.44
N PHE A 149 17.91 5.37 -5.93
CA PHE A 149 16.98 4.60 -6.77
C PHE A 149 16.36 5.45 -7.87
N PHE A 150 15.76 6.58 -7.51
CA PHE A 150 15.21 7.49 -8.53
C PHE A 150 15.36 8.91 -8.00
N SER A 151 16.26 9.67 -8.59
CA SER A 151 16.37 11.10 -8.33
C SER A 151 16.57 11.77 -9.68
N PRO A 152 15.48 12.19 -10.32
CA PRO A 152 15.61 12.83 -11.64
C PRO A 152 16.16 14.25 -11.54
N ALA A 153 15.83 14.96 -10.45
CA ALA A 153 16.22 16.34 -10.17
C ALA A 153 17.74 16.51 -10.24
N PRO A 154 18.26 17.74 -10.33
CA PRO A 154 19.73 17.92 -10.40
C PRO A 154 20.47 17.50 -9.14
N PHE A 155 19.86 17.67 -7.97
CA PHE A 155 20.39 17.19 -6.70
C PHE A 155 19.23 16.63 -5.90
N GLU A 156 19.55 15.97 -4.78
CA GLU A 156 18.55 15.31 -3.95
C GLU A 156 17.81 16.34 -3.10
N LYS A 157 16.49 16.44 -3.29
CA LYS A 157 15.65 17.45 -2.63
C LYS A 157 14.72 16.90 -1.55
N ARG A 158 14.71 15.57 -1.33
CA ARG A 158 13.85 14.91 -0.35
C ARG A 158 14.53 14.86 1.02
N ILE A 159 13.77 14.46 2.04
CA ILE A 159 14.34 14.33 3.38
C ILE A 159 15.29 13.15 3.40
N LYS A 160 16.54 13.40 3.78
CA LYS A 160 17.56 12.37 3.78
C LYS A 160 17.92 12.05 5.24
N ILE A 161 17.71 10.81 5.65
CA ILE A 161 17.80 10.43 7.06
C ILE A 161 18.96 9.49 7.35
N THR A 162 19.70 9.08 6.33
CA THR A 162 20.73 8.05 6.41
C THR A 162 21.71 8.33 5.29
N GLU A 163 22.93 7.86 5.43
CA GLU A 163 23.92 7.91 4.34
C GLU A 163 23.28 7.59 2.99
N SER A 164 22.32 6.65 2.98
CA SER A 164 21.73 6.14 1.75
C SER A 164 20.21 6.21 1.64
N MET A 165 19.46 6.53 2.70
CA MET A 165 18.01 6.44 2.64
C MET A 165 17.36 7.82 2.62
N CYS A 166 16.31 7.94 1.83
CA CYS A 166 15.53 9.16 1.68
C CYS A 166 14.07 8.88 2.02
N VAL A 167 13.33 9.95 2.30
CA VAL A 167 11.89 9.84 2.53
C VAL A 167 11.17 10.84 1.64
N GLY A 168 10.12 10.36 0.96
CA GLY A 168 9.24 11.21 0.20
C GLY A 168 7.81 11.02 0.70
N TYR A 169 6.89 11.78 0.11
CA TYR A 169 5.48 11.72 0.53
C TYR A 169 4.58 12.02 -0.67
N TYR A 170 3.33 11.59 -0.55
CA TYR A 170 2.27 12.02 -1.47
C TYR A 170 0.92 12.10 -0.79
N MET B 13 9.90 20.62 -13.26
CA MET B 13 10.10 19.31 -12.66
C MET B 13 9.28 19.19 -11.39
N LYS B 14 7.99 18.90 -11.59
CA LYS B 14 7.11 18.43 -10.54
C LYS B 14 6.88 16.94 -10.78
N SER B 15 7.26 16.12 -9.80
CA SER B 15 7.20 14.67 -9.90
C SER B 15 6.34 14.13 -8.76
N LEU B 16 5.24 13.48 -9.13
CA LEU B 16 4.27 12.94 -8.18
C LEU B 16 4.43 11.44 -8.00
N ILE B 17 4.11 10.98 -6.79
CA ILE B 17 3.79 9.57 -6.58
C ILE B 17 2.32 9.38 -6.95
N LEU B 18 2.06 8.47 -7.86
CA LEU B 18 0.69 8.16 -8.26
C LEU B 18 0.08 7.19 -7.27
N PRO B 19 -1.10 7.51 -6.71
CA PRO B 19 -1.77 6.57 -5.83
C PRO B 19 -2.08 5.28 -6.57
N PRO B 20 -2.08 4.15 -5.88
CA PRO B 20 -2.19 2.87 -6.59
C PRO B 20 -3.47 2.74 -7.38
N ASN B 21 -4.51 3.51 -7.07
CA ASN B 21 -5.75 3.41 -7.83
C ASN B 21 -6.04 4.67 -8.64
N GLU B 22 -5.07 5.56 -8.81
CA GLU B 22 -5.24 6.61 -9.81
C GLU B 22 -5.10 6.02 -11.21
N PHE B 23 -6.11 6.23 -12.03
CA PHE B 23 -6.05 5.78 -13.42
C PHE B 23 -5.13 6.69 -14.22
N LEU B 24 -4.53 6.11 -15.27
CA LEU B 24 -3.52 6.76 -16.08
C LEU B 24 -4.09 7.51 -17.28
N ASP B 25 -5.32 8.03 -17.19
CA ASP B 25 -5.96 8.66 -18.34
C ASP B 25 -5.14 9.85 -18.83
N HIS B 26 -4.61 10.66 -17.92
CA HIS B 26 -3.85 11.85 -18.26
C HIS B 26 -2.34 11.60 -18.42
N TYR B 27 -1.91 10.37 -18.72
CA TYR B 27 -0.48 10.10 -18.83
C TYR B 27 -0.19 9.22 -20.04
N ILE B 28 1.05 9.29 -20.50
CA ILE B 28 1.57 8.36 -21.48
C ILE B 28 2.82 7.71 -20.89
N LEU B 29 3.11 6.49 -21.32
CA LEU B 29 4.32 5.82 -20.86
C LEU B 29 5.55 6.47 -21.49
N ASN B 30 6.50 6.92 -20.67
CA ASN B 30 7.71 7.54 -21.23
C ASN B 30 8.46 6.59 -22.15
N ALA B 31 8.62 5.32 -21.74
CA ALA B 31 9.30 4.33 -22.56
C ALA B 31 8.73 4.27 -23.96
N GLU B 32 7.42 4.42 -24.10
CA GLU B 32 6.83 4.35 -25.44
C GLU B 32 6.96 5.67 -26.15
N PHE B 33 6.76 6.77 -25.43
CA PHE B 33 6.75 8.09 -26.06
C PHE B 33 8.11 8.42 -26.66
N HIS B 34 9.19 8.19 -25.89
CA HIS B 34 10.49 8.67 -26.34
C HIS B 34 11.05 7.85 -27.49
N ARG B 35 10.37 6.78 -27.85
CA ARG B 35 10.70 5.97 -29.01
C ARG B 35 10.01 6.55 -30.24
N PHE B 36 8.76 6.95 -30.12
CA PHE B 36 8.03 7.55 -31.20
C PHE B 36 8.66 8.87 -31.51
N ALA B 37 9.34 9.45 -30.55
CA ALA B 37 9.97 10.73 -30.74
C ALA B 37 11.46 10.64 -31.03
N GLY B 38 12.03 9.45 -30.87
CA GLY B 38 13.45 9.28 -31.10
C GLY B 38 14.27 10.19 -30.21
N ILE B 39 13.84 10.30 -28.96
CA ILE B 39 14.50 11.15 -27.97
C ILE B 39 15.07 10.29 -26.86
N SER B 40 16.07 10.81 -26.16
CA SER B 40 16.71 10.07 -25.08
C SER B 40 15.74 9.74 -23.95
N LYS B 41 15.86 8.53 -23.42
CA LYS B 41 15.01 8.05 -22.37
C LYS B 41 14.91 9.06 -21.27
N ASN B 42 15.94 9.84 -21.10
CA ASN B 42 15.93 10.86 -20.06
C ASN B 42 15.77 12.27 -20.61
N ALA B 43 15.40 12.41 -21.88
CA ALA B 43 15.15 13.74 -22.44
C ALA B 43 14.21 14.53 -21.55
N TYR B 44 13.07 13.93 -21.18
CA TYR B 44 12.05 14.60 -20.37
C TYR B 44 12.65 15.32 -19.16
N LYS B 45 13.77 14.83 -18.63
CA LYS B 45 14.35 15.47 -17.44
C LYS B 45 14.79 16.90 -17.70
N PHE B 46 15.12 17.25 -18.95
CA PHE B 46 15.71 18.54 -19.26
C PHE B 46 14.74 19.48 -19.96
N TRP B 47 13.49 19.11 -20.04
CA TRP B 47 12.51 19.98 -20.60
C TRP B 47 12.16 20.82 -19.45
N LYS B 48 11.62 21.99 -19.69
CA LYS B 48 11.18 22.79 -18.60
C LYS B 48 9.73 22.56 -18.52
N ASN B 49 9.20 22.61 -17.33
CA ASN B 49 7.80 22.35 -17.13
C ASN B 49 7.35 20.91 -17.27
N VAL B 50 8.13 19.96 -16.79
CA VAL B 50 7.68 18.61 -16.88
C VAL B 50 6.98 18.12 -15.67
N GLU B 51 5.87 17.45 -15.87
CA GLU B 51 5.15 16.79 -14.80
C GLU B 51 5.21 15.31 -15.09
N ILE B 52 5.87 14.56 -14.22
CA ILE B 52 5.94 13.11 -14.34
C ILE B 52 5.25 12.49 -13.14
N GLY B 53 4.77 11.26 -13.34
CA GLY B 53 4.27 10.46 -12.25
C GLY B 53 4.89 9.08 -12.27
N ARG B 54 5.03 8.51 -11.07
CA ARG B 54 5.47 7.14 -10.86
C ARG B 54 4.67 6.55 -9.71
N TYR B 55 4.32 5.27 -9.83
CA TYR B 55 3.76 4.54 -8.70
C TYR B 55 4.86 4.27 -7.68
N GLN B 56 4.46 4.21 -6.42
CA GLN B 56 5.42 4.09 -5.33
C GLN B 56 6.28 2.83 -5.51
N GLY B 57 7.56 2.96 -5.16
CA GLY B 57 8.50 1.86 -5.29
C GLY B 57 8.82 1.45 -6.71
N THR B 58 8.77 2.38 -7.65
CA THR B 58 8.85 2.07 -9.08
C THR B 58 9.53 3.22 -9.81
N ARG B 59 10.30 2.90 -10.84
CA ARG B 59 10.88 3.93 -11.70
C ARG B 59 10.22 4.02 -13.06
N ILE B 60 9.09 3.35 -13.27
CA ILE B 60 8.43 3.37 -14.57
C ILE B 60 7.80 4.76 -14.74
N ILE B 61 8.34 5.56 -15.64
CA ILE B 61 8.01 6.99 -15.68
C ILE B 61 6.82 7.23 -16.59
N PHE B 62 5.85 7.97 -16.08
CA PHE B 62 4.72 8.43 -16.87
C PHE B 62 4.84 9.94 -17.06
N LEU B 63 4.52 10.40 -18.26
CA LEU B 63 4.54 11.81 -18.56
C LEU B 63 3.11 12.30 -18.59
N HIS B 64 2.85 13.41 -17.89
CA HIS B 64 1.54 14.03 -18.00
C HIS B 64 1.35 14.59 -19.39
N ARG B 65 0.14 14.46 -19.94
CA ARG B 65 -0.08 14.86 -21.33
C ARG B 65 -0.03 16.38 -21.51
N ASN B 66 -0.23 17.18 -20.45
CA ASN B 66 -0.29 18.63 -20.68
C ASN B 66 1.09 19.20 -20.99
N CYS B 67 2.15 18.56 -20.49
CA CYS B 67 3.50 19.08 -20.57
C CYS B 67 4.24 18.67 -21.83
N ILE B 68 3.67 17.79 -22.66
CA ILE B 68 4.32 17.41 -23.91
C ILE B 68 4.47 18.65 -24.78
N LEU B 69 5.69 18.90 -25.24
CA LEU B 69 5.98 20.05 -26.09
C LEU B 69 5.21 19.94 -27.41
N GLU B 70 4.91 21.10 -27.99
CA GLU B 70 4.24 21.11 -29.29
C GLU B 70 5.08 20.42 -30.35
N LYS B 71 6.40 20.51 -30.24
CA LYS B 71 7.30 19.82 -31.15
C LYS B 71 7.04 18.31 -31.20
N HIS B 72 6.61 17.72 -30.07
CA HIS B 72 6.49 16.28 -29.97
C HIS B 72 5.04 15.79 -30.04
N GLN B 73 4.15 16.59 -30.62
CA GLN B 73 2.74 16.19 -30.67
C GLN B 73 2.55 14.98 -31.59
N GLN B 74 3.30 14.92 -32.69
CA GLN B 74 3.26 13.75 -33.56
C GLN B 74 3.45 12.47 -32.77
N ALA B 75 4.40 12.47 -31.84
CA ALA B 75 4.67 11.27 -31.06
C ALA B 75 3.61 11.04 -30.00
N LEU B 76 3.07 12.13 -29.42
CA LEU B 76 1.98 12.00 -28.46
C LEU B 76 0.79 11.23 -29.06
N ARG B 77 0.39 11.56 -30.28
CA ARG B 77 -0.79 10.93 -30.86
C ARG B 77 -0.58 9.45 -31.19
N GLN B 78 0.67 9.02 -31.36
CA GLN B 78 0.95 7.62 -31.64
C GLN B 78 0.93 6.75 -30.38
N CYS B 79 0.93 7.35 -29.20
CA CYS B 79 1.08 6.59 -27.97
C CYS B 79 -0.22 5.83 -27.63
N SER B 80 -0.05 4.74 -26.87
CA SER B 80 -1.20 4.00 -26.37
C SER B 80 -1.94 4.78 -25.29
N GLY B 81 -3.27 4.83 -25.41
CA GLY B 81 -4.07 5.40 -24.33
C GLY B 81 -4.09 4.48 -23.12
N LEU B 82 -4.22 5.08 -21.94
CA LEU B 82 -4.17 4.32 -20.70
C LEU B 82 -5.39 4.58 -19.82
N ASN B 83 -6.54 4.82 -20.45
CA ASN B 83 -7.76 5.21 -19.74
C ASN B 83 -8.26 4.08 -18.86
N GLY B 84 -8.44 4.37 -17.58
CA GLY B 84 -8.85 3.37 -16.63
C GLY B 84 -7.78 2.37 -16.24
N PHE B 85 -6.54 2.53 -16.72
CA PHE B 85 -5.48 1.57 -16.49
C PHE B 85 -4.58 1.99 -15.35
N VAL B 86 -4.04 1.00 -14.64
CA VAL B 86 -2.96 1.24 -13.70
C VAL B 86 -1.87 0.22 -13.95
N LEU B 87 -0.67 0.52 -13.46
CA LEU B 87 0.44 -0.42 -13.54
C LEU B 87 0.07 -1.74 -12.85
N ALA B 88 0.32 -2.86 -13.54
CA ALA B 88 -0.05 -4.17 -12.98
C ALA B 88 0.60 -4.42 -11.63
N SER B 89 1.87 -4.04 -11.48
CA SER B 89 2.52 -4.22 -10.18
C SER B 89 1.81 -3.42 -9.08
N ALA B 90 1.43 -2.16 -9.37
CA ALA B 90 0.69 -1.37 -8.38
C ALA B 90 -0.65 -2.02 -8.05
N PHE B 91 -1.33 -2.60 -9.05
CA PHE B 91 -2.57 -3.30 -8.79
C PHE B 91 -2.37 -4.43 -7.80
N CYS B 92 -1.24 -5.14 -7.91
CA CYS B 92 -0.97 -6.24 -6.98
C CYS B 92 -0.63 -5.73 -5.58
N SER B 93 0.17 -4.67 -5.47
CA SER B 93 0.39 -4.05 -4.16
C SER B 93 -0.92 -3.57 -3.57
N PHE B 94 -1.70 -2.82 -4.35
CA PHE B 94 -2.99 -2.30 -3.90
C PHE B 94 -3.85 -3.41 -3.32
N THR B 95 -4.05 -4.50 -4.07
CA THR B 95 -4.97 -5.55 -3.69
C THR B 95 -4.34 -6.66 -2.87
N GLY B 96 -3.01 -6.75 -2.83
CA GLY B 96 -2.40 -7.89 -2.19
C GLY B 96 -2.44 -9.17 -3.02
N LEU B 97 -2.89 -9.09 -4.26
CA LEU B 97 -2.86 -10.25 -5.13
C LEU B 97 -1.41 -10.63 -5.46
N ALA B 98 -1.12 -11.91 -5.43
CA ALA B 98 0.19 -12.36 -5.87
C ALA B 98 0.34 -12.11 -7.37
N PRO B 99 1.47 -11.60 -7.83
CA PRO B 99 1.61 -11.29 -9.26
C PRO B 99 1.51 -12.51 -10.17
N SER B 100 1.87 -13.71 -9.67
CA SER B 100 1.66 -14.93 -10.44
C SER B 100 0.28 -15.00 -11.07
N HIS B 101 -0.75 -14.51 -10.37
CA HIS B 101 -2.11 -14.54 -10.90
C HIS B 101 -2.24 -13.80 -12.21
N LEU B 102 -1.40 -12.81 -12.47
CA LEU B 102 -1.49 -12.04 -13.71
C LEU B 102 -0.68 -12.65 -14.86
N VAL B 103 -0.07 -13.82 -14.65
CA VAL B 103 0.70 -14.52 -15.68
C VAL B 103 -0.18 -15.59 -16.33
N GLU B 104 -0.47 -15.40 -17.62
CA GLU B 104 -1.46 -16.23 -18.32
C GLU B 104 -1.20 -17.73 -18.16
N LYS B 105 0.05 -18.15 -18.27
CA LYS B 105 0.37 -19.58 -18.20
C LYS B 105 -0.04 -20.22 -16.90
N ASN B 106 -0.21 -19.45 -15.81
CA ASN B 106 -0.58 -20.05 -14.53
C ASN B 106 -2.06 -20.38 -14.41
N ASN B 107 -2.85 -20.02 -15.43
CA ASN B 107 -4.29 -20.32 -15.52
C ASN B 107 -5.01 -20.11 -14.19
N SER B 108 -4.79 -18.93 -13.60
CA SER B 108 -5.53 -18.53 -12.42
C SER B 108 -6.91 -18.01 -12.84
N SER B 109 -7.91 -18.28 -12.00
CA SER B 109 -9.29 -17.93 -12.36
C SER B 109 -9.53 -16.43 -12.37
N ILE B 110 -8.68 -15.64 -11.71
CA ILE B 110 -8.80 -14.18 -11.76
C ILE B 110 -8.35 -13.64 -13.11
N TYR B 111 -7.42 -14.33 -13.78
CA TYR B 111 -6.91 -13.82 -15.04
C TYR B 111 -8.02 -13.55 -16.03
N LYS B 112 -9.00 -14.45 -16.11
CA LYS B 112 -10.08 -14.27 -17.07
C LYS B 112 -10.90 -13.01 -16.78
N LEU B 113 -10.98 -12.60 -15.51
CA LEU B 113 -11.80 -11.47 -15.11
C LEU B 113 -11.20 -10.11 -15.46
N LEU B 114 -9.91 -10.05 -15.74
CA LEU B 114 -9.22 -8.77 -15.86
C LEU B 114 -8.95 -8.44 -17.32
N GLU B 115 -8.90 -7.15 -17.62
CA GLU B 115 -8.40 -6.68 -18.90
C GLU B 115 -6.95 -6.25 -18.70
N LEU B 116 -6.03 -6.99 -19.30
CA LEU B 116 -4.62 -6.66 -19.24
C LEU B 116 -4.12 -6.21 -20.62
N LYS B 117 -2.96 -5.56 -20.58
CA LYS B 117 -2.41 -4.91 -21.75
C LYS B 117 -0.94 -4.66 -21.47
N GLU B 118 -0.09 -4.91 -22.46
CA GLU B 118 1.33 -4.66 -22.35
C GLU B 118 1.76 -3.58 -23.34
N ILE B 119 2.64 -2.69 -22.87
CA ILE B 119 3.29 -1.70 -23.72
C ILE B 119 4.76 -1.71 -23.36
N CYS B 120 5.62 -1.86 -24.37
CA CYS B 120 7.08 -1.92 -24.18
C CYS B 120 7.46 -2.87 -23.05
N GLY B 121 6.76 -3.98 -22.94
CA GLY B 121 7.03 -4.92 -21.87
C GLY B 121 6.45 -4.55 -20.51
N ILE B 122 5.88 -3.36 -20.36
CA ILE B 122 5.21 -2.95 -19.12
C ILE B 122 3.76 -3.45 -19.14
N LYS B 123 3.38 -4.19 -18.11
CA LYS B 123 2.03 -4.77 -18.02
C LYS B 123 1.09 -3.86 -17.23
N PHE B 124 -0.13 -3.70 -17.74
CA PHE B 124 -1.13 -2.83 -17.14
C PHE B 124 -2.43 -3.60 -16.88
N VAL B 125 -3.17 -3.15 -15.86
CA VAL B 125 -4.49 -3.71 -15.53
C VAL B 125 -5.50 -2.59 -15.65
N ASN B 126 -6.65 -2.90 -16.27
CA ASN B 126 -7.73 -1.93 -16.38
C ASN B 126 -8.52 -1.98 -15.08
N LEU B 127 -8.09 -1.15 -14.12
CA LEU B 127 -8.70 -1.16 -12.80
C LEU B 127 -10.13 -0.61 -12.86
N LYS B 128 -10.36 0.41 -13.68
CA LYS B 128 -11.70 0.96 -13.82
C LYS B 128 -12.69 -0.13 -14.24
N LYS B 129 -12.34 -0.95 -15.23
CA LYS B 129 -13.25 -2.00 -15.64
C LYS B 129 -13.44 -3.04 -14.54
N PHE B 130 -12.43 -3.24 -13.68
CA PHE B 130 -12.57 -4.18 -12.58
C PHE B 130 -13.49 -3.62 -11.50
N TYR B 131 -13.37 -2.33 -11.19
CA TYR B 131 -14.34 -1.71 -10.29
C TYR B 131 -15.75 -1.85 -10.85
N ASP B 132 -15.93 -1.53 -12.14
CA ASP B 132 -17.23 -1.68 -12.76
C ASP B 132 -17.71 -3.12 -12.68
N PHE B 133 -16.80 -4.08 -12.84
CA PHE B 133 -17.18 -5.48 -12.75
C PHE B 133 -17.71 -5.82 -11.35
N LEU B 134 -17.13 -5.23 -10.32
CA LEU B 134 -17.61 -5.47 -8.96
C LEU B 134 -18.79 -4.61 -8.57
N GLY B 135 -19.07 -3.52 -9.31
CA GLY B 135 -20.09 -2.57 -8.93
C GLY B 135 -19.63 -1.45 -8.01
N LEU B 136 -18.39 -1.47 -7.56
CA LEU B 136 -17.92 -0.47 -6.62
C LEU B 136 -17.56 0.82 -7.34
N ASN B 137 -17.62 1.91 -6.59
CA ASN B 137 -17.12 3.17 -7.11
C ASN B 137 -15.59 3.14 -7.03
N TYR B 138 -14.97 4.24 -7.42
CA TYR B 138 -13.53 4.23 -7.69
C TYR B 138 -12.71 4.66 -6.50
N HIS B 139 -13.32 4.72 -5.31
CA HIS B 139 -12.64 5.16 -4.09
C HIS B 139 -12.60 4.09 -3.02
N GLN B 140 -12.70 2.83 -3.43
CA GLN B 140 -12.64 1.69 -2.53
C GLN B 140 -11.27 1.06 -2.62
N HIS B 141 -10.68 0.77 -1.47
CA HIS B 141 -9.43 0.03 -1.44
C HIS B 141 -9.81 -1.44 -1.43
N ILE B 142 -9.77 -2.08 -2.59
CA ILE B 142 -10.12 -3.50 -2.66
C ILE B 142 -8.93 -4.35 -2.26
N TYR B 143 -9.20 -5.53 -1.72
CA TYR B 143 -8.18 -6.54 -1.49
C TYR B 143 -8.72 -7.88 -1.93
N ILE B 144 -7.80 -8.75 -2.35
CA ILE B 144 -8.15 -10.03 -2.96
C ILE B 144 -7.37 -11.11 -2.23
N GLU B 145 -8.10 -12.04 -1.63
CA GLU B 145 -7.54 -13.18 -0.89
C GLU B 145 -8.46 -14.37 -1.16
N LYS B 146 -8.01 -15.57 -0.77
CA LYS B 146 -8.88 -16.74 -0.86
C LYS B 146 -10.07 -16.55 0.07
N CYS B 147 -11.23 -17.06 -0.35
CA CYS B 147 -12.43 -16.85 0.46
C CYS B 147 -12.30 -17.52 1.82
N HIS B 148 -11.59 -18.67 1.89
CA HIS B 148 -11.50 -19.33 3.17
C HIS B 148 -10.66 -18.57 4.20
N PHE B 149 -10.02 -17.45 3.81
CA PHE B 149 -9.33 -16.58 4.75
C PHE B 149 -10.24 -15.56 5.39
N PHE B 150 -11.43 -15.34 4.84
CA PHE B 150 -12.30 -14.27 5.32
C PHE B 150 -12.95 -14.63 6.64
N SER B 151 -13.07 -13.63 7.53
CA SER B 151 -13.57 -13.90 8.86
C SER B 151 -15.07 -14.22 8.84
N PRO B 152 -15.51 -15.17 9.64
CA PRO B 152 -16.93 -15.45 9.68
C PRO B 152 -17.60 -14.69 10.78
N ALA B 153 -16.88 -14.27 11.79
CA ALA B 153 -17.50 -13.51 12.87
C ALA B 153 -16.50 -12.59 13.54
N PRO B 154 -16.67 -11.21 13.49
CA PRO B 154 -17.80 -10.69 12.72
C PRO B 154 -17.65 -10.96 11.25
N PHE B 155 -18.73 -11.13 10.53
CA PHE B 155 -18.65 -11.41 9.13
C PHE B 155 -17.97 -10.29 8.38
N GLU B 156 -16.98 -10.65 7.60
CA GLU B 156 -16.20 -9.70 6.81
C GLU B 156 -16.89 -9.48 5.46
N LYS B 157 -17.28 -8.24 5.19
CA LYS B 157 -17.92 -7.86 3.93
C LYS B 157 -17.08 -8.34 2.75
N ARG B 158 -17.73 -8.91 1.74
CA ARG B 158 -16.97 -9.51 0.65
C ARG B 158 -17.82 -9.64 -0.61
N ILE B 159 -17.13 -9.68 -1.75
CA ILE B 159 -17.70 -10.03 -3.04
C ILE B 159 -16.93 -11.21 -3.60
N LYS B 160 -17.59 -12.36 -3.74
CA LYS B 160 -16.93 -13.53 -4.30
C LYS B 160 -16.84 -13.40 -5.82
N ILE B 161 -15.64 -13.53 -6.36
CA ILE B 161 -15.41 -13.35 -7.80
C ILE B 161 -15.07 -14.65 -8.51
N THR B 162 -14.73 -15.70 -7.78
CA THR B 162 -14.19 -16.93 -8.33
C THR B 162 -14.70 -18.05 -7.44
N GLU B 163 -14.49 -19.30 -7.84
CA GLU B 163 -14.88 -20.39 -6.95
C GLU B 163 -14.17 -20.30 -5.60
N SER B 164 -12.93 -19.78 -5.56
CA SER B 164 -12.10 -19.76 -4.36
C SER B 164 -11.67 -18.37 -3.88
N MET B 165 -11.93 -17.32 -4.66
CA MET B 165 -11.35 -16.00 -4.39
C MET B 165 -12.41 -14.95 -4.15
N CYS B 166 -12.19 -14.12 -3.14
CA CYS B 166 -13.13 -13.09 -2.73
C CYS B 166 -12.44 -11.73 -2.73
N VAL B 167 -13.25 -10.68 -2.89
CA VAL B 167 -12.79 -9.31 -2.79
C VAL B 167 -13.44 -8.68 -1.57
N GLY B 168 -12.62 -8.16 -0.65
CA GLY B 168 -13.09 -7.25 0.36
C GLY B 168 -12.70 -5.83 -0.03
N TYR B 169 -13.20 -4.85 0.72
CA TYR B 169 -12.81 -3.49 0.43
C TYR B 169 -13.09 -2.58 1.61
N TYR B 170 -12.49 -1.41 1.55
CA TYR B 170 -12.67 -0.38 2.54
C TYR B 170 -12.18 0.95 1.94
#